data_3CQG
#
_entry.id   3CQG
#
_cell.length_a   47.655
_cell.length_b   65.533
_cell.length_c   193.230
_cell.angle_alpha   90.00
_cell.angle_beta   90.00
_cell.angle_gamma   90.00
#
_symmetry.space_group_name_H-M   'P 21 21 21'
#
loop_
_entity.id
_entity.type
_entity.pdbx_description
1 polymer 'Nuclear pore complex protein Nup107'
2 polymer 'Nuclear pore complex protein Nup133'
3 water water
#
loop_
_entity_poly.entity_id
_entity_poly.type
_entity_poly.pdbx_seq_one_letter_code
_entity_poly.pdbx_strand_id
1 'polypeptide(L)'
;GSPALDTGTTEEDRLKIDVIDWLVFDPAQRAEALKQGNAIMRKFLASKKHEAAKEVFVKIPQDSIAEIYNQCEEQGMESP
LPAEDDNAIREHLCIRAYLEAHETFNEWFKHMNSVPGGSGGSWKGHLDALTADVKEKMYNVLLFVDGGWMVDVREDAKED
HERTHQMVLLRKLCLPMLCFLLHTILHSTGQYQECLQLADMVSSERHKLYLVFSKEELRKLLQKLRESSLMLLDQGLDPL
GYEIQL
;
A
2 'polypeptide(L)'
;MASHHLSWLHEINSQELEKAHATLLGLANMETRYFAKKKTLLGLSKLAALASDFSEDMLQEKIEEMAEQERFLLHQETLP
EQLLAEKQLNLSAMPVLTAPQLIGLYICEENRRANEYDFKKALDLLEYIDEEEDININDLKLEILCKALQRDNWSSSDGK
DDPIEVSKDSIFVKILQKLLKDGIQLSEYLPEVKDLLQADQLGSLKSNPYFEFVLKANYEYYVQGQI
;
B
#
# COMPACT_ATOMS: atom_id res chain seq x y z
N GLU A 11 8.46 -37.12 -8.93
CA GLU A 11 8.53 -37.96 -10.13
C GLU A 11 8.16 -37.20 -11.44
N GLU A 12 6.89 -36.81 -11.59
CA GLU A 12 6.55 -35.91 -12.68
C GLU A 12 7.22 -34.53 -12.49
N ASP A 13 7.53 -34.17 -11.25
CA ASP A 13 8.14 -32.87 -11.00
C ASP A 13 9.65 -32.85 -11.25
N ARG A 14 10.35 -33.89 -10.77
CA ARG A 14 11.80 -33.97 -10.96
C ARG A 14 12.19 -33.83 -12.42
N LEU A 15 11.33 -34.33 -13.31
CA LEU A 15 11.57 -34.24 -14.76
C LEU A 15 11.64 -32.77 -15.19
N LYS A 16 10.58 -32.01 -14.89
CA LYS A 16 10.54 -30.62 -15.29
C LYS A 16 11.80 -29.85 -14.89
N ILE A 17 12.21 -29.97 -13.62
CA ILE A 17 13.36 -29.22 -13.13
C ILE A 17 14.68 -29.69 -13.75
N ASP A 18 14.77 -30.99 -14.02
CA ASP A 18 15.90 -31.52 -14.77
C ASP A 18 15.94 -30.87 -16.16
N VAL A 19 14.76 -30.54 -16.68
CA VAL A 19 14.63 -29.91 -18.00
C VAL A 19 15.05 -28.43 -18.02
N ILE A 20 14.87 -27.75 -16.89
CA ILE A 20 15.27 -26.34 -16.80
C ILE A 20 16.71 -26.15 -17.25
N ASP A 21 17.51 -27.20 -17.14
CA ASP A 21 18.93 -27.11 -17.49
C ASP A 21 19.11 -27.05 -18.99
N TRP A 22 18.17 -27.65 -19.72
CA TRP A 22 18.20 -27.64 -21.18
C TRP A 22 17.59 -26.36 -21.73
N LEU A 23 16.52 -25.89 -21.10
CA LEU A 23 15.87 -24.65 -21.50
C LEU A 23 16.75 -23.43 -21.28
N VAL A 24 17.75 -23.58 -20.41
CA VAL A 24 18.66 -22.48 -20.08
C VAL A 24 19.86 -22.51 -21.01
N PHE A 25 19.93 -23.54 -21.84
CA PHE A 25 21.01 -23.77 -22.80
C PHE A 25 20.96 -22.74 -23.93
N ASP A 26 19.83 -22.71 -24.62
CA ASP A 26 19.64 -21.89 -25.80
C ASP A 26 19.13 -20.50 -25.41
N PRO A 27 19.96 -19.47 -25.62
CA PRO A 27 19.52 -18.11 -25.28
C PRO A 27 18.27 -17.65 -26.03
N ALA A 28 17.93 -18.27 -27.16
CA ALA A 28 16.80 -17.81 -27.96
C ALA A 28 15.46 -18.23 -27.34
N GLN A 29 15.54 -19.16 -26.41
CA GLN A 29 14.38 -19.65 -25.68
C GLN A 29 14.55 -19.30 -24.19
N ARG A 30 14.72 -18.01 -23.92
CA ARG A 30 14.99 -17.56 -22.56
C ARG A 30 13.72 -17.18 -21.81
N ALA A 31 12.73 -16.66 -22.55
CA ALA A 31 11.42 -16.42 -21.96
C ALA A 31 10.78 -17.73 -21.53
N GLU A 32 10.94 -18.76 -22.35
CA GLU A 32 10.40 -20.07 -22.02
C GLU A 32 11.03 -20.65 -20.76
N ALA A 33 12.34 -20.50 -20.62
CA ALA A 33 13.02 -20.88 -19.40
C ALA A 33 12.37 -20.15 -18.23
N LEU A 34 12.27 -18.84 -18.38
CA LEU A 34 11.70 -17.99 -17.34
C LEU A 34 10.32 -18.49 -16.94
N LYS A 35 9.46 -18.68 -17.93
CA LYS A 35 8.09 -19.08 -17.64
C LYS A 35 8.04 -20.43 -16.93
N GLN A 36 8.71 -21.42 -17.50
CA GLN A 36 8.69 -22.77 -16.98
C GLN A 36 9.38 -22.86 -15.62
N GLY A 37 10.34 -21.98 -15.39
CA GLY A 37 10.99 -21.88 -14.10
C GLY A 37 10.02 -21.32 -13.08
N ASN A 38 9.23 -20.33 -13.49
CA ASN A 38 8.27 -19.73 -12.58
C ASN A 38 7.26 -20.77 -12.15
N ALA A 39 6.77 -21.52 -13.12
CA ALA A 39 5.76 -22.55 -12.90
C ALA A 39 6.12 -23.53 -11.77
N ILE A 40 7.35 -24.04 -11.83
CA ILE A 40 7.84 -24.98 -10.83
C ILE A 40 7.87 -24.36 -9.45
N MET A 41 8.47 -23.18 -9.35
CA MET A 41 8.62 -22.52 -8.06
C MET A 41 7.28 -22.12 -7.48
N ARG A 42 6.34 -21.74 -8.35
CA ARG A 42 4.99 -21.51 -7.91
C ARG A 42 4.45 -22.74 -7.20
N LYS A 43 4.84 -23.90 -7.70
CA LYS A 43 4.44 -25.16 -7.10
C LYS A 43 5.17 -25.40 -5.78
N PHE A 44 6.49 -25.30 -5.82
CA PHE A 44 7.30 -25.44 -4.61
C PHE A 44 6.78 -24.53 -3.52
N LEU A 45 6.76 -23.22 -3.78
CA LEU A 45 6.34 -22.23 -2.79
C LEU A 45 4.94 -22.51 -2.26
N ALA A 46 4.09 -23.07 -3.12
CA ALA A 46 2.75 -23.47 -2.68
C ALA A 46 2.83 -24.52 -1.59
N SER A 47 3.92 -25.27 -1.57
CA SER A 47 4.12 -26.32 -0.58
C SER A 47 5.22 -25.95 0.41
N LYS A 48 5.48 -24.65 0.54
CA LYS A 48 6.43 -24.13 1.52
C LYS A 48 7.89 -24.55 1.31
N LYS A 49 8.17 -25.27 0.23
CA LYS A 49 9.52 -25.78 -0.03
C LYS A 49 10.49 -24.68 -0.49
N HIS A 50 11.04 -23.92 0.44
CA HIS A 50 11.86 -22.77 0.07
C HIS A 50 13.18 -23.10 -0.59
N GLU A 51 13.85 -24.16 -0.14
CA GLU A 51 15.10 -24.52 -0.79
C GLU A 51 14.83 -25.17 -2.14
N ALA A 52 13.86 -26.06 -2.19
CA ALA A 52 13.45 -26.66 -3.46
C ALA A 52 13.36 -25.58 -4.53
N ALA A 53 12.66 -24.51 -4.21
CA ALA A 53 12.50 -23.39 -5.11
C ALA A 53 13.82 -22.65 -5.36
N LYS A 54 14.59 -22.44 -4.30
CA LYS A 54 15.84 -21.71 -4.42
C LYS A 54 16.83 -22.43 -5.35
N GLU A 55 16.75 -23.75 -5.41
CA GLU A 55 17.62 -24.52 -6.28
C GLU A 55 17.26 -24.29 -7.74
N VAL A 56 15.98 -24.34 -8.05
CA VAL A 56 15.51 -24.03 -9.39
C VAL A 56 15.94 -22.61 -9.78
N PHE A 57 15.80 -21.70 -8.83
CA PHE A 57 16.06 -20.28 -9.07
C PHE A 57 17.47 -20.01 -9.59
N VAL A 58 18.46 -20.63 -8.96
CA VAL A 58 19.85 -20.32 -9.26
C VAL A 58 20.20 -20.78 -10.66
N LYS A 59 19.38 -21.66 -11.22
CA LYS A 59 19.57 -22.12 -12.60
C LYS A 59 19.21 -21.06 -13.66
N ILE A 60 18.41 -20.08 -13.28
CA ILE A 60 18.15 -18.96 -14.19
C ILE A 60 19.37 -18.08 -14.19
N PRO A 61 19.96 -17.83 -15.38
CA PRO A 61 21.25 -17.17 -15.58
C PRO A 61 21.43 -15.72 -15.08
N GLN A 62 20.53 -15.24 -14.23
CA GLN A 62 20.76 -13.96 -13.55
C GLN A 62 21.09 -12.80 -14.49
N ASP A 63 20.74 -12.96 -15.75
CA ASP A 63 20.94 -11.93 -16.76
C ASP A 63 19.85 -12.11 -17.80
N SER A 64 18.95 -13.04 -17.48
CA SER A 64 17.98 -13.60 -18.40
C SER A 64 16.89 -12.62 -18.73
N ILE A 65 16.83 -11.56 -17.95
CA ILE A 65 15.82 -10.54 -18.15
C ILE A 65 16.30 -9.46 -19.11
N ALA A 66 17.53 -8.98 -18.91
CA ALA A 66 18.13 -8.06 -19.85
C ALA A 66 18.18 -8.77 -21.19
N GLU A 67 18.39 -10.08 -21.12
CA GLU A 67 18.40 -10.93 -22.30
C GLU A 67 17.08 -10.85 -23.06
N ILE A 68 15.97 -11.04 -22.36
CA ILE A 68 14.67 -11.02 -23.01
C ILE A 68 14.38 -9.65 -23.63
N TYR A 69 14.61 -8.59 -22.87
CA TYR A 69 14.49 -7.26 -23.43
C TYR A 69 15.28 -7.05 -24.76
N ASN A 70 16.44 -7.69 -24.92
CA ASN A 70 17.19 -7.60 -26.20
C ASN A 70 16.63 -8.37 -27.42
N GLN A 71 15.93 -9.50 -27.14
CA GLN A 71 15.15 -10.24 -28.15
C GLN A 71 13.86 -9.49 -28.57
N CYS A 72 13.64 -8.31 -28.00
CA CYS A 72 12.50 -7.53 -28.44
C CYS A 72 12.98 -6.24 -29.09
N GLU A 73 13.00 -5.16 -28.32
CA GLU A 73 13.38 -3.85 -28.82
C GLU A 73 12.57 -3.44 -30.04
N GLU A 74 11.33 -3.91 -30.13
CA GLU A 74 10.46 -3.61 -31.26
C GLU A 74 9.58 -2.39 -30.97
N LEU A 81 6.17 -5.86 -25.98
CA LEU A 81 6.52 -7.15 -25.38
C LEU A 81 5.26 -7.95 -25.06
N PRO A 82 5.25 -9.26 -25.40
CA PRO A 82 4.12 -10.16 -25.13
C PRO A 82 3.67 -10.16 -23.67
N ALA A 83 2.37 -10.16 -23.44
CA ALA A 83 1.84 -10.15 -22.09
C ALA A 83 2.48 -11.25 -21.26
N GLU A 84 2.38 -12.48 -21.76
CA GLU A 84 2.84 -13.64 -21.02
C GLU A 84 4.31 -13.50 -20.57
N ASP A 85 5.09 -12.81 -21.37
CA ASP A 85 6.52 -12.62 -21.10
C ASP A 85 6.74 -11.49 -20.13
N ASP A 86 5.93 -10.45 -20.29
CA ASP A 86 5.92 -9.32 -19.37
C ASP A 86 5.59 -9.84 -17.96
N ASN A 87 4.66 -10.78 -17.89
CA ASN A 87 4.23 -11.34 -16.61
C ASN A 87 5.27 -12.29 -16.02
N ALA A 88 5.78 -13.19 -16.84
CA ALA A 88 6.83 -14.10 -16.41
C ALA A 88 7.94 -13.31 -15.71
N ILE A 89 8.29 -12.18 -16.29
CA ILE A 89 9.30 -11.29 -15.71
C ILE A 89 8.90 -10.72 -14.34
N ARG A 90 7.75 -10.06 -14.30
CA ARG A 90 7.26 -9.52 -13.04
C ARG A 90 7.19 -10.61 -11.99
N GLU A 91 6.66 -11.76 -12.39
CA GLU A 91 6.51 -12.88 -11.49
C GLU A 91 7.85 -13.39 -11.02
N HIS A 92 8.83 -13.44 -11.92
CA HIS A 92 10.17 -13.86 -11.58
C HIS A 92 10.77 -12.91 -10.56
N LEU A 93 10.61 -11.62 -10.80
CA LEU A 93 11.03 -10.64 -9.80
C LEU A 93 10.32 -10.82 -8.45
N CYS A 94 9.01 -11.03 -8.50
CA CYS A 94 8.26 -11.35 -7.30
C CYS A 94 8.91 -12.49 -6.53
N ILE A 95 8.98 -13.66 -7.13
CA ILE A 95 9.57 -14.85 -6.52
C ILE A 95 10.97 -14.59 -5.96
N ARG A 96 11.73 -13.73 -6.63
CA ARG A 96 13.04 -13.33 -6.12
C ARG A 96 12.86 -12.52 -4.83
N ALA A 97 12.12 -11.43 -4.93
CA ALA A 97 11.80 -10.56 -3.80
C ALA A 97 11.41 -11.36 -2.59
N TYR A 98 10.78 -12.49 -2.84
CA TYR A 98 10.22 -13.34 -1.79
C TYR A 98 11.26 -14.25 -1.19
N LEU A 99 12.18 -14.73 -1.99
CA LEU A 99 13.25 -15.58 -1.47
C LEU A 99 14.26 -14.77 -0.67
N GLU A 100 14.53 -13.56 -1.14
CA GLU A 100 15.44 -12.66 -0.45
C GLU A 100 14.91 -12.26 0.92
N ALA A 101 13.60 -12.04 0.98
CA ALA A 101 12.94 -11.72 2.24
C ALA A 101 13.20 -12.78 3.30
N HIS A 102 13.17 -14.04 2.90
CA HIS A 102 13.40 -15.16 3.82
C HIS A 102 14.87 -15.39 4.15
N GLU A 103 15.76 -15.24 3.18
CA GLU A 103 17.18 -15.47 3.44
C GLU A 103 17.72 -14.39 4.39
N THR A 104 17.31 -13.14 4.17
CA THR A 104 17.75 -12.06 5.02
C THR A 104 17.17 -12.21 6.42
N PHE A 105 16.00 -12.83 6.54
CA PHE A 105 15.45 -13.05 7.86
C PHE A 105 16.25 -14.13 8.56
N ASN A 106 16.67 -15.15 7.82
CA ASN A 106 17.52 -16.18 8.38
C ASN A 106 18.82 -15.57 8.88
N GLU A 107 19.46 -14.79 8.02
CA GLU A 107 20.68 -14.07 8.35
C GLU A 107 20.50 -13.23 9.63
N TRP A 108 19.51 -12.33 9.61
CA TRP A 108 19.18 -11.50 10.77
C TRP A 108 19.05 -12.32 12.04
N PHE A 109 18.25 -13.37 11.95
CA PHE A 109 17.99 -14.24 13.06
C PHE A 109 19.26 -14.82 13.64
N LYS A 110 20.06 -15.47 12.80
CA LYS A 110 21.36 -15.99 13.22
C LYS A 110 22.09 -14.96 14.07
N HIS A 111 22.13 -13.74 13.57
CA HIS A 111 22.86 -12.68 14.22
C HIS A 111 22.26 -12.26 15.55
N MET A 112 20.94 -12.26 15.64
CA MET A 112 20.23 -11.95 16.88
C MET A 112 20.57 -12.93 17.99
N ASN A 113 21.30 -13.99 17.66
CA ASN A 113 21.58 -15.03 18.63
C ASN A 113 23.07 -15.32 18.79
N SER A 114 23.91 -14.70 17.98
CA SER A 114 25.35 -14.95 18.06
C SER A 114 25.94 -14.36 19.35
N VAL A 115 25.56 -13.13 19.66
CA VAL A 115 25.94 -12.50 20.91
C VAL A 115 27.46 -12.48 21.26
N PRO A 116 28.34 -12.13 20.29
CA PRO A 116 29.72 -11.81 20.70
C PRO A 116 29.90 -10.28 20.89
N GLY A 121 32.47 -2.50 19.41
CA GLY A 121 31.19 -2.06 18.86
C GLY A 121 30.79 -2.40 17.41
N SER A 122 31.54 -3.25 16.69
CA SER A 122 31.10 -3.57 15.30
C SER A 122 29.86 -4.49 15.24
N TRP A 123 29.47 -5.03 16.39
CA TRP A 123 28.39 -6.02 16.43
C TRP A 123 27.05 -5.34 16.23
N LYS A 124 26.62 -4.60 17.24
CA LYS A 124 25.35 -3.91 17.18
C LYS A 124 25.24 -3.20 15.84
N GLY A 125 26.34 -2.56 15.42
CA GLY A 125 26.37 -1.84 14.16
C GLY A 125 25.88 -2.70 13.00
N HIS A 126 26.36 -3.93 12.94
CA HIS A 126 25.96 -4.86 11.90
C HIS A 126 24.51 -5.33 12.11
N LEU A 127 24.08 -5.36 13.36
CA LEU A 127 22.72 -5.76 13.74
C LEU A 127 21.64 -4.82 13.24
N ASP A 128 21.88 -3.52 13.42
CA ASP A 128 20.96 -2.51 12.91
C ASP A 128 20.92 -2.55 11.39
N ALA A 129 22.04 -2.90 10.76
CA ALA A 129 22.11 -3.01 9.30
C ALA A 129 21.22 -4.14 8.80
N LEU A 130 21.29 -5.27 9.48
CA LEU A 130 20.45 -6.41 9.16
C LEU A 130 18.99 -6.14 9.43
N THR A 131 18.69 -5.54 10.58
CA THR A 131 17.31 -5.26 10.94
C THR A 131 16.70 -4.33 9.91
N ALA A 132 17.46 -3.31 9.56
CA ALA A 132 16.96 -2.30 8.62
C ALA A 132 16.78 -2.91 7.24
N ASP A 133 17.60 -3.91 6.93
CA ASP A 133 17.60 -4.56 5.63
C ASP A 133 16.47 -5.57 5.43
N VAL A 134 16.23 -6.44 6.43
CA VAL A 134 15.14 -7.39 6.34
C VAL A 134 13.79 -6.65 6.37
N LYS A 135 13.68 -5.63 7.23
CA LYS A 135 12.52 -4.75 7.21
C LYS A 135 12.17 -4.35 5.78
N GLU A 136 13.18 -3.95 5.02
CA GLU A 136 12.94 -3.50 3.66
C GLU A 136 12.50 -4.61 2.71
N LYS A 137 13.22 -5.72 2.71
CA LYS A 137 12.88 -6.89 1.92
C LYS A 137 11.45 -7.35 2.21
N MET A 138 11.04 -7.27 3.47
CA MET A 138 9.68 -7.64 3.86
C MET A 138 8.62 -6.73 3.28
N TYR A 139 8.85 -5.44 3.44
CA TYR A 139 7.96 -4.42 2.89
C TYR A 139 7.95 -4.50 1.37
N ASN A 140 9.07 -4.91 0.78
CA ASN A 140 9.13 -5.05 -0.68
C ASN A 140 8.08 -6.02 -1.17
N VAL A 141 7.97 -7.15 -0.48
CA VAL A 141 7.01 -8.19 -0.85
C VAL A 141 5.59 -7.76 -0.50
N LEU A 142 5.42 -7.25 0.70
CA LEU A 142 4.09 -6.88 1.21
C LEU A 142 3.46 -5.77 0.38
N LEU A 143 4.27 -4.77 0.03
CA LEU A 143 3.83 -3.66 -0.79
C LEU A 143 4.56 -3.66 -2.12
N PHE A 144 4.51 -4.79 -2.82
CA PHE A 144 5.18 -4.92 -4.12
C PHE A 144 4.59 -3.95 -5.15
N VAL A 145 5.45 -3.13 -5.73
CA VAL A 145 5.03 -2.01 -6.57
C VAL A 145 4.06 -2.34 -7.70
N ASP A 146 3.13 -1.42 -7.93
CA ASP A 146 2.26 -1.44 -9.11
C ASP A 146 1.33 -2.63 -9.22
N GLY A 147 0.78 -3.07 -8.10
CA GLY A 147 -0.21 -4.13 -8.14
C GLY A 147 -0.12 -5.07 -6.96
N GLY A 148 1.11 -5.27 -6.47
CA GLY A 148 1.33 -6.17 -5.37
C GLY A 148 1.86 -7.50 -5.82
N TRP A 149 2.25 -8.32 -4.86
CA TRP A 149 3.06 -9.50 -5.09
C TRP A 149 2.20 -10.66 -5.60
N MET A 150 2.68 -11.30 -6.68
CA MET A 150 1.92 -12.33 -7.39
C MET A 150 0.61 -11.77 -7.95
N VAL A 151 0.66 -10.53 -8.44
CA VAL A 151 -0.47 -9.95 -9.15
C VAL A 151 -0.05 -9.41 -10.52
N ASP A 152 -0.65 -9.94 -11.58
CA ASP A 152 -0.26 -9.56 -12.93
C ASP A 152 -0.59 -8.09 -13.20
N VAL A 153 0.26 -7.42 -13.95
CA VAL A 153 0.04 -6.02 -14.27
C VAL A 153 -0.54 -5.91 -15.67
N ARG A 154 -0.76 -7.07 -16.29
CA ARG A 154 -1.17 -7.15 -17.68
C ARG A 154 -2.39 -8.04 -17.81
N GLU A 155 -3.48 -7.48 -18.36
CA GLU A 155 -4.74 -8.21 -18.46
C GLU A 155 -4.94 -8.89 -19.80
N ASP A 156 -4.13 -8.49 -20.77
CA ASP A 156 -4.26 -8.98 -22.15
C ASP A 156 -3.52 -10.28 -22.39
N ALA A 157 -3.16 -10.96 -21.31
CA ALA A 157 -2.48 -12.24 -21.41
C ALA A 157 -3.47 -13.37 -21.71
N LYS A 158 -2.96 -14.42 -22.37
CA LYS A 158 -3.80 -15.56 -22.74
C LYS A 158 -4.25 -16.36 -21.52
N GLU A 159 -5.52 -16.75 -21.56
CA GLU A 159 -6.19 -17.42 -20.45
C GLU A 159 -5.39 -18.59 -19.90
N ASP A 160 -5.17 -18.59 -18.58
CA ASP A 160 -4.45 -19.67 -17.91
C ASP A 160 -4.94 -19.77 -16.48
N HIS A 161 -5.98 -20.57 -16.26
CA HIS A 161 -6.64 -20.65 -14.95
C HIS A 161 -5.79 -21.31 -13.87
N GLU A 162 -4.92 -22.23 -14.26
CA GLU A 162 -4.07 -22.89 -13.27
C GLU A 162 -3.11 -21.89 -12.66
N ARG A 163 -2.45 -21.11 -13.49
CA ARG A 163 -1.53 -20.11 -13.00
C ARG A 163 -2.25 -19.09 -12.13
N THR A 164 -3.35 -18.58 -12.63
CA THR A 164 -4.13 -17.57 -11.90
C THR A 164 -4.55 -18.11 -10.54
N HIS A 165 -5.02 -19.35 -10.50
CA HIS A 165 -5.30 -20.02 -9.24
C HIS A 165 -4.09 -20.07 -8.33
N GLN A 166 -2.97 -20.60 -8.82
CA GLN A 166 -1.75 -20.72 -8.03
C GLN A 166 -1.28 -19.40 -7.45
N MET A 167 -1.35 -18.34 -8.25
CA MET A 167 -0.87 -17.05 -7.80
C MET A 167 -1.74 -16.49 -6.69
N VAL A 168 -3.05 -16.70 -6.80
CA VAL A 168 -3.97 -16.26 -5.78
C VAL A 168 -3.76 -17.03 -4.47
N LEU A 169 -3.30 -18.27 -4.56
CA LEU A 169 -3.09 -19.05 -3.36
C LEU A 169 -1.79 -18.68 -2.66
N LEU A 170 -0.80 -18.24 -3.43
CA LEU A 170 0.49 -17.87 -2.85
C LEU A 170 0.34 -16.59 -2.01
N ARG A 171 -0.56 -15.73 -2.39
CA ARG A 171 -0.78 -14.52 -1.63
C ARG A 171 -1.41 -14.88 -0.30
N LYS A 172 -2.22 -15.92 -0.30
CA LYS A 172 -2.77 -16.44 0.93
C LYS A 172 -1.77 -17.29 1.71
N LEU A 173 -0.90 -18.00 1.01
CA LEU A 173 0.08 -18.86 1.65
C LEU A 173 1.22 -18.07 2.29
N CYS A 174 1.82 -17.17 1.53
CA CYS A 174 3.09 -16.56 1.90
C CYS A 174 2.97 -15.16 2.46
N LEU A 175 1.91 -14.45 2.09
CA LEU A 175 1.82 -13.05 2.49
C LEU A 175 1.63 -12.81 3.98
N PRO A 176 0.68 -13.51 4.63
CA PRO A 176 0.48 -13.39 6.07
C PRO A 176 1.69 -13.82 6.88
N MET A 177 2.41 -14.81 6.38
CA MET A 177 3.59 -15.29 7.07
C MET A 177 4.61 -14.18 7.29
N LEU A 178 4.89 -13.44 6.21
CA LEU A 178 5.82 -12.32 6.20
C LEU A 178 5.36 -11.18 7.08
N CYS A 179 4.06 -11.07 7.22
CA CYS A 179 3.48 -10.08 8.08
C CYS A 179 3.89 -10.37 9.53
N PHE A 180 3.96 -11.66 9.87
CA PHE A 180 4.27 -12.05 11.24
C PHE A 180 5.76 -12.01 11.49
N LEU A 181 6.53 -12.41 10.50
CA LEU A 181 7.97 -12.21 10.52
C LEU A 181 8.26 -10.74 10.76
N LEU A 182 7.52 -9.90 10.06
CA LEU A 182 7.75 -8.47 10.12
C LEU A 182 7.46 -7.91 11.51
N HIS A 183 6.33 -8.29 12.10
CA HIS A 183 6.03 -7.88 13.46
C HIS A 183 7.14 -8.27 14.44
N THR A 184 7.50 -9.54 14.44
CA THR A 184 8.63 -10.05 15.19
C THR A 184 9.82 -9.13 15.05
N ILE A 185 10.44 -9.11 13.89
CA ILE A 185 11.57 -8.23 13.65
C ILE A 185 11.40 -6.89 14.35
N LEU A 186 10.23 -6.25 14.21
CA LEU A 186 10.04 -4.91 14.77
C LEU A 186 9.98 -4.93 16.27
N HIS A 187 9.22 -5.87 16.81
CA HIS A 187 9.06 -6.03 18.25
C HIS A 187 10.39 -6.45 18.87
N SER A 188 11.01 -7.47 18.28
CA SER A 188 12.28 -8.01 18.75
C SER A 188 13.32 -6.94 19.02
N THR A 189 13.10 -5.77 18.44
CA THR A 189 14.07 -4.68 18.53
C THR A 189 13.42 -3.33 18.90
N GLY A 190 12.28 -3.41 19.57
CA GLY A 190 11.66 -2.24 20.18
C GLY A 190 11.06 -1.18 19.27
N GLN A 191 10.74 -1.55 18.03
CA GLN A 191 10.12 -0.61 17.12
C GLN A 191 8.60 -0.75 17.24
N TYR A 192 8.11 -0.65 18.47
CA TYR A 192 6.73 -1.02 18.79
C TYR A 192 5.66 -0.16 18.12
N GLN A 193 5.98 1.11 17.87
CA GLN A 193 5.02 1.99 17.21
C GLN A 193 4.79 1.55 15.78
N GLU A 194 5.84 1.05 15.13
CA GLU A 194 5.74 0.60 13.75
C GLU A 194 4.94 -0.69 13.67
N CYS A 195 5.09 -1.51 14.70
CA CYS A 195 4.35 -2.74 14.84
C CYS A 195 2.85 -2.45 14.81
N LEU A 196 2.42 -1.41 15.47
CA LEU A 196 1.00 -1.08 15.48
C LEU A 196 0.53 -0.49 14.17
N GLN A 197 1.47 -0.01 13.37
CA GLN A 197 1.13 0.55 12.08
C GLN A 197 1.08 -0.53 11.00
N LEU A 198 1.37 -1.76 11.39
CA LEU A 198 1.06 -2.86 10.52
C LEU A 198 -0.44 -2.90 10.31
N ALA A 199 -1.18 -2.37 11.28
CA ALA A 199 -2.64 -2.37 11.19
C ALA A 199 -3.07 -1.49 10.04
N ASP A 200 -2.38 -0.35 9.89
CA ASP A 200 -2.54 0.52 8.75
C ASP A 200 -2.30 -0.24 7.45
N MET A 201 -1.19 -0.97 7.43
CA MET A 201 -0.74 -1.64 6.22
C MET A 201 -1.68 -2.74 5.72
N VAL A 202 -2.16 -3.55 6.65
CA VAL A 202 -2.97 -4.70 6.31
C VAL A 202 -4.39 -4.31 5.92
N SER A 203 -4.93 -3.26 6.55
CA SER A 203 -6.32 -2.90 6.35
C SER A 203 -6.43 -1.84 5.26
N SER A 204 -5.28 -1.33 4.84
CA SER A 204 -5.22 -0.32 3.79
C SER A 204 -6.02 -0.78 2.59
N GLU A 205 -6.88 0.10 2.08
CA GLU A 205 -7.64 -0.20 0.88
C GLU A 205 -6.76 -0.10 -0.36
N ARG A 206 -5.59 0.51 -0.22
CA ARG A 206 -4.66 0.57 -1.34
C ARG A 206 -4.33 -0.84 -1.81
N HIS A 207 -4.15 -1.75 -0.86
CA HIS A 207 -3.67 -3.09 -1.18
C HIS A 207 -4.63 -4.20 -0.74
N LYS A 208 -5.45 -3.93 0.25
CA LYS A 208 -6.38 -4.94 0.73
C LYS A 208 -5.65 -6.22 1.10
N LEU A 209 -4.46 -6.08 1.68
CA LEU A 209 -3.75 -7.21 2.25
C LEU A 209 -4.65 -8.00 3.18
N TYR A 210 -5.63 -7.31 3.77
CA TYR A 210 -6.53 -7.95 4.72
C TYR A 210 -7.37 -9.07 4.10
N LEU A 211 -7.69 -8.95 2.81
CA LEU A 211 -8.50 -9.99 2.17
C LEU A 211 -7.69 -11.14 1.62
N VAL A 212 -6.49 -11.32 2.14
CA VAL A 212 -5.75 -12.57 1.94
C VAL A 212 -5.37 -13.18 3.28
N PHE A 213 -5.91 -12.61 4.36
CA PHE A 213 -5.78 -13.16 5.71
C PHE A 213 -7.03 -13.98 6.08
N SER A 214 -6.82 -15.10 6.75
CA SER A 214 -7.92 -15.83 7.37
C SER A 214 -8.25 -15.15 8.68
N LYS A 215 -9.48 -15.35 9.17
CA LYS A 215 -9.87 -14.75 10.43
C LYS A 215 -8.97 -15.22 11.56
N GLU A 216 -8.42 -16.43 11.41
CA GLU A 216 -7.52 -16.98 12.41
C GLU A 216 -6.25 -16.16 12.47
N GLU A 217 -5.78 -15.74 11.30
CA GLU A 217 -4.51 -15.02 11.18
C GLU A 217 -4.68 -13.55 11.58
N LEU A 218 -5.84 -12.99 11.28
CA LEU A 218 -6.17 -11.62 11.66
C LEU A 218 -6.19 -11.52 13.17
N ARG A 219 -6.70 -12.55 13.80
CA ARG A 219 -6.73 -12.59 15.26
C ARG A 219 -5.31 -12.69 15.75
N LYS A 220 -4.58 -13.66 15.23
CA LYS A 220 -3.21 -13.84 15.63
C LYS A 220 -2.51 -12.49 15.54
N LEU A 221 -2.76 -11.77 14.45
CA LEU A 221 -2.12 -10.48 14.22
C LEU A 221 -2.51 -9.47 15.29
N LEU A 222 -3.81 -9.35 15.54
CA LEU A 222 -4.34 -8.50 16.61
C LEU A 222 -3.70 -8.75 17.98
N GLN A 223 -3.57 -10.02 18.34
CA GLN A 223 -3.03 -10.40 19.63
C GLN A 223 -1.54 -10.09 19.77
N LYS A 224 -0.81 -10.18 18.66
CA LYS A 224 0.61 -9.83 18.61
C LYS A 224 0.84 -8.34 18.81
N LEU A 225 -0.11 -7.53 18.36
CA LEU A 225 0.02 -6.09 18.43
C LEU A 225 -0.34 -5.60 19.83
N ARG A 226 -1.19 -6.37 20.50
CA ARG A 226 -1.49 -6.11 21.89
C ARG A 226 -0.19 -6.18 22.68
N GLU A 227 0.53 -7.29 22.53
CA GLU A 227 1.82 -7.47 23.16
C GLU A 227 2.68 -6.23 22.94
N SER A 228 2.42 -5.54 21.83
CA SER A 228 3.21 -4.38 21.46
C SER A 228 2.72 -3.09 22.12
N SER A 229 1.42 -3.00 22.38
CA SER A 229 0.87 -1.86 23.12
C SER A 229 1.18 -1.94 24.61
N LEU A 230 1.24 -3.15 25.14
CA LEU A 230 1.65 -3.36 26.52
C LEU A 230 3.07 -2.86 26.69
N MET A 231 3.92 -3.15 25.71
CA MET A 231 5.30 -2.73 25.74
C MET A 231 5.42 -1.21 25.64
N LEU A 232 4.45 -0.58 24.98
CA LEU A 232 4.49 0.87 24.80
C LEU A 232 4.01 1.57 26.07
N LEU A 233 2.90 1.09 26.62
CA LEU A 233 2.39 1.59 27.88
C LEU A 233 3.48 1.50 28.93
N ASP A 234 4.25 0.43 28.87
CA ASP A 234 5.36 0.18 29.78
C ASP A 234 6.39 1.31 29.76
N GLN A 235 6.21 2.26 28.85
CA GLN A 235 7.17 3.33 28.65
C GLN A 235 6.55 4.71 28.91
N GLY A 236 5.30 4.71 29.32
CA GLY A 236 4.60 5.95 29.62
C GLY A 236 4.11 6.64 28.37
N LEU A 237 3.75 5.84 27.37
CA LEU A 237 3.19 6.34 26.12
C LEU A 237 1.83 5.71 25.93
N ASP A 238 1.01 6.26 25.05
CA ASP A 238 -0.31 5.66 24.82
C ASP A 238 -0.20 4.35 24.01
N PRO A 239 -1.30 3.60 23.89
CA PRO A 239 -1.13 2.24 23.37
C PRO A 239 -0.50 2.23 21.97
N LEU A 240 -0.62 3.34 21.24
CA LEU A 240 -0.12 3.44 19.88
C LEU A 240 1.23 4.11 19.84
N GLY A 241 1.79 4.38 21.02
CA GLY A 241 3.13 4.93 21.14
C GLY A 241 3.23 6.44 21.04
N TYR A 242 2.14 7.14 21.31
CA TYR A 242 2.11 8.60 21.30
C TYR A 242 2.09 9.16 22.72
N GLU A 243 2.35 10.45 22.86
CA GLU A 243 2.43 11.09 24.18
C GLU A 243 1.08 11.39 24.80
N ILE A 244 1.07 11.57 26.12
CA ILE A 244 -0.17 11.75 26.88
C ILE A 244 -0.38 13.20 27.32
N GLN A 245 -1.12 13.97 26.51
CA GLN A 245 -1.49 15.34 26.84
C GLN A 245 -2.12 16.05 25.63
N LEU B 6 -10.09 2.92 27.53
CA LEU B 6 -9.16 2.17 26.71
C LEU B 6 -9.48 0.68 26.82
N SER B 7 -10.75 0.35 26.61
CA SER B 7 -11.23 -0.98 26.91
C SER B 7 -10.87 -1.89 25.77
N TRP B 8 -10.57 -1.29 24.62
CA TRP B 8 -10.32 -2.04 23.39
C TRP B 8 -9.18 -3.03 23.58
N LEU B 9 -8.16 -2.61 24.32
CA LEU B 9 -7.04 -3.48 24.68
C LEU B 9 -7.49 -4.76 25.36
N HIS B 10 -8.42 -4.65 26.28
CA HIS B 10 -8.93 -5.82 27.00
C HIS B 10 -9.93 -6.58 26.12
N GLU B 11 -10.86 -5.83 25.53
CA GLU B 11 -11.88 -6.40 24.66
C GLU B 11 -11.27 -7.30 23.60
N ILE B 12 -10.00 -7.07 23.31
CA ILE B 12 -9.29 -7.90 22.36
C ILE B 12 -8.82 -9.19 22.99
N ASN B 13 -8.13 -9.09 24.12
CA ASN B 13 -7.60 -10.28 24.79
C ASN B 13 -8.73 -11.25 25.14
N SER B 14 -9.94 -10.72 25.25
CA SER B 14 -11.11 -11.51 25.60
C SER B 14 -11.81 -12.08 24.36
N GLN B 15 -11.30 -11.75 23.18
CA GLN B 15 -11.92 -12.15 21.92
C GLN B 15 -13.28 -11.48 21.68
N GLU B 16 -13.54 -10.40 22.41
CA GLU B 16 -14.72 -9.59 22.14
C GLU B 16 -14.35 -8.58 21.07
N LEU B 17 -14.35 -9.01 19.82
CA LEU B 17 -13.82 -8.20 18.73
C LEU B 17 -14.87 -7.29 18.09
N GLU B 18 -16.13 -7.68 18.21
CA GLU B 18 -17.21 -6.76 17.86
C GLU B 18 -17.12 -5.56 18.77
N LYS B 19 -16.70 -5.79 20.01
CA LYS B 19 -16.65 -4.72 20.99
C LYS B 19 -15.37 -3.91 20.91
N ALA B 20 -14.26 -4.57 20.59
CA ALA B 20 -12.98 -3.90 20.47
C ALA B 20 -12.99 -3.05 19.22
N HIS B 21 -13.67 -3.56 18.20
CA HIS B 21 -13.89 -2.77 17.01
C HIS B 21 -14.70 -1.55 17.35
N ALA B 22 -15.62 -1.71 18.29
CA ALA B 22 -16.52 -0.63 18.66
C ALA B 22 -15.78 0.52 19.35
N THR B 23 -15.11 0.22 20.45
CA THR B 23 -14.37 1.27 21.13
C THR B 23 -13.31 1.86 20.22
N LEU B 24 -12.59 0.97 19.52
CA LEU B 24 -11.55 1.40 18.58
C LEU B 24 -12.06 2.38 17.52
N LEU B 25 -13.19 2.08 16.90
CA LEU B 25 -13.80 2.98 15.93
C LEU B 25 -14.15 4.33 16.56
N GLY B 26 -14.56 4.31 17.82
CA GLY B 26 -14.93 5.52 18.54
C GLY B 26 -13.75 6.44 18.83
N LEU B 27 -12.71 5.89 19.45
CA LEU B 27 -11.46 6.61 19.66
C LEU B 27 -10.95 7.20 18.34
N ALA B 28 -11.09 6.41 17.28
CA ALA B 28 -10.69 6.83 15.94
C ALA B 28 -11.36 8.14 15.53
N ASN B 29 -12.63 8.30 15.90
CA ASN B 29 -13.39 9.49 15.54
C ASN B 29 -13.02 10.73 16.37
N MET B 30 -12.61 10.52 17.60
CA MET B 30 -12.28 11.65 18.49
C MET B 30 -10.87 12.14 18.21
N GLU B 31 -10.15 11.37 17.41
CA GLU B 31 -8.75 11.66 17.17
C GLU B 31 -8.64 12.89 16.30
N THR B 32 -7.83 13.84 16.75
CA THR B 32 -7.61 15.08 16.01
C THR B 32 -6.19 15.57 16.24
N ARG B 33 -5.53 15.03 17.26
CA ARG B 33 -4.18 15.49 17.62
C ARG B 33 -3.11 14.92 16.70
N TYR B 34 -3.26 13.65 16.33
CA TYR B 34 -2.31 13.04 15.40
C TYR B 34 -3.05 12.34 14.29
N PHE B 35 -2.78 12.77 13.07
CA PHE B 35 -3.34 12.07 11.92
C PHE B 35 -2.90 10.61 11.96
N ALA B 36 -1.61 10.38 12.18
CA ALA B 36 -1.08 9.02 12.17
C ALA B 36 -1.75 8.12 13.20
N LYS B 37 -2.10 8.69 14.34
CA LYS B 37 -2.78 7.95 15.38
C LYS B 37 -4.17 7.62 14.89
N LYS B 38 -4.84 8.62 14.32
CA LYS B 38 -6.17 8.40 13.79
C LYS B 38 -6.15 7.27 12.80
N LYS B 39 -5.27 7.39 11.81
CA LYS B 39 -5.09 6.36 10.81
C LYS B 39 -4.98 4.97 11.43
N THR B 40 -4.04 4.80 12.33
CA THR B 40 -3.81 3.49 12.93
C THR B 40 -5.05 2.95 13.63
N LEU B 41 -5.64 3.76 14.49
CA LEU B 41 -6.83 3.33 15.25
C LEU B 41 -7.94 2.85 14.33
N LEU B 42 -8.14 3.57 13.23
CA LEU B 42 -9.14 3.20 12.22
C LEU B 42 -8.76 1.92 11.49
N GLY B 43 -7.48 1.77 11.14
CA GLY B 43 -7.00 0.53 10.57
C GLY B 43 -7.23 -0.59 11.58
N LEU B 44 -6.89 -0.33 12.83
CA LEU B 44 -7.13 -1.26 13.92
C LEU B 44 -8.60 -1.62 14.06
N SER B 45 -9.45 -0.59 14.02
CA SER B 45 -10.89 -0.77 14.09
C SER B 45 -11.36 -1.72 13.01
N LYS B 46 -10.87 -1.50 11.78
CA LYS B 46 -11.24 -2.28 10.61
C LYS B 46 -10.78 -3.72 10.68
N LEU B 47 -9.58 -3.94 11.24
CA LEU B 47 -9.11 -5.30 11.44
C LEU B 47 -9.99 -6.06 12.40
N ALA B 48 -10.33 -5.43 13.51
CA ALA B 48 -11.23 -6.02 14.50
C ALA B 48 -12.55 -6.45 13.87
N ALA B 49 -13.19 -5.53 13.15
CA ALA B 49 -14.42 -5.82 12.43
C ALA B 49 -14.28 -7.03 11.53
N LEU B 50 -13.22 -7.04 10.71
CA LEU B 50 -12.95 -8.12 9.78
C LEU B 50 -12.71 -9.45 10.47
N ALA B 51 -12.04 -9.41 11.61
CA ALA B 51 -11.62 -10.63 12.31
C ALA B 51 -12.64 -11.08 13.33
N SER B 52 -13.77 -10.40 13.39
CA SER B 52 -14.83 -10.77 14.32
C SER B 52 -15.82 -11.71 13.66
N ASP B 53 -16.98 -11.87 14.29
CA ASP B 53 -17.99 -12.79 13.81
C ASP B 53 -19.25 -12.03 13.36
N PHE B 54 -19.05 -10.85 12.79
CA PHE B 54 -20.18 -10.02 12.33
C PHE B 54 -20.91 -10.75 11.21
N SER B 55 -22.16 -10.37 10.98
CA SER B 55 -22.93 -10.97 9.89
C SER B 55 -22.31 -10.60 8.55
N GLU B 56 -22.44 -11.51 7.59
CA GLU B 56 -21.82 -11.31 6.28
C GLU B 56 -22.26 -10.00 5.63
N ASP B 57 -23.33 -9.40 6.16
CA ASP B 57 -23.85 -8.15 5.63
C ASP B 57 -23.59 -7.02 6.62
N MET B 58 -23.83 -7.31 7.89
CA MET B 58 -23.49 -6.44 9.00
C MET B 58 -22.01 -6.04 8.88
N LEU B 59 -21.18 -7.01 8.56
CA LEU B 59 -19.77 -6.78 8.29
C LEU B 59 -19.61 -5.88 7.06
N GLN B 60 -20.03 -6.38 5.90
CA GLN B 60 -19.90 -5.62 4.66
C GLN B 60 -20.55 -4.25 4.80
N GLU B 61 -21.35 -4.09 5.86
CA GLU B 61 -21.99 -2.82 6.15
C GLU B 61 -21.03 -1.90 6.91
N LYS B 62 -20.28 -2.49 7.83
CA LYS B 62 -19.27 -1.76 8.60
C LYS B 62 -18.04 -1.39 7.77
N ILE B 63 -17.49 -2.36 7.05
CA ILE B 63 -16.36 -2.10 6.15
C ILE B 63 -16.80 -1.18 5.03
N GLU B 64 -18.11 -1.09 4.85
CA GLU B 64 -18.72 -0.16 3.93
C GLU B 64 -18.44 1.28 4.37
N GLU B 65 -18.79 1.59 5.61
CA GLU B 65 -18.72 2.96 6.11
C GLU B 65 -17.32 3.41 6.54
N MET B 66 -16.43 2.46 6.75
CA MET B 66 -15.04 2.79 7.05
C MET B 66 -14.29 3.09 5.76
N ALA B 67 -14.71 2.46 4.67
CA ALA B 67 -14.15 2.78 3.37
C ALA B 67 -14.47 4.25 3.08
N GLU B 68 -15.46 4.76 3.79
CA GLU B 68 -15.98 6.11 3.56
C GLU B 68 -15.10 7.16 4.26
N GLN B 69 -14.65 6.81 5.45
CA GLN B 69 -13.77 7.67 6.24
C GLN B 69 -12.37 7.56 5.68
N GLU B 70 -11.99 6.35 5.28
CA GLU B 70 -10.70 6.09 4.67
C GLU B 70 -10.58 6.94 3.41
N ARG B 71 -11.74 7.25 2.81
CA ARG B 71 -11.80 8.04 1.61
C ARG B 71 -11.46 9.50 1.89
N PHE B 72 -11.63 9.94 3.13
CA PHE B 72 -11.31 11.32 3.50
C PHE B 72 -9.86 11.49 3.97
N LEU B 73 -9.38 10.53 4.76
CA LEU B 73 -8.02 10.59 5.25
C LEU B 73 -7.04 10.36 4.11
N LEU B 74 -7.58 10.05 2.93
CA LEU B 74 -6.74 9.77 1.77
C LEU B 74 -6.13 11.07 1.29
N HIS B 75 -6.87 12.16 1.45
CA HIS B 75 -6.44 13.49 1.00
C HIS B 75 -5.21 13.98 1.75
N GLN B 76 -5.26 13.94 3.07
CA GLN B 76 -4.13 14.32 3.90
C GLN B 76 -3.03 13.28 3.79
N GLU B 77 -3.44 12.04 3.56
CA GLU B 77 -2.50 10.95 3.42
C GLU B 77 -1.60 11.18 2.22
N THR B 78 -2.19 11.69 1.14
CA THR B 78 -1.49 11.84 -0.13
C THR B 78 -0.90 13.23 -0.35
N LEU B 79 -0.66 13.97 0.74
CA LEU B 79 0.06 15.24 0.66
C LEU B 79 1.51 15.03 0.24
N PRO B 80 1.93 15.69 -0.85
CA PRO B 80 3.31 15.60 -1.35
C PRO B 80 4.35 15.68 -0.24
N GLU B 81 5.31 14.77 -0.27
CA GLU B 81 6.37 14.74 0.74
C GLU B 81 7.23 16.01 0.72
N GLN B 82 7.37 16.62 -0.45
CA GLN B 82 8.14 17.87 -0.57
C GLN B 82 7.40 19.05 0.03
N LEU B 83 6.13 19.17 -0.30
CA LEU B 83 5.27 20.18 0.31
C LEU B 83 5.42 20.11 1.82
N LEU B 84 5.37 18.89 2.35
CA LEU B 84 5.56 18.67 3.78
C LEU B 84 6.99 19.00 4.22
N ALA B 85 7.97 18.54 3.45
CA ALA B 85 9.36 18.80 3.80
C ALA B 85 9.62 20.30 3.93
N GLU B 86 8.86 21.09 3.17
CA GLU B 86 9.08 22.53 3.04
C GLU B 86 8.35 23.35 4.11
N LYS B 87 7.13 22.96 4.43
CA LYS B 87 6.40 23.60 5.53
C LYS B 87 6.99 23.04 6.81
N GLN B 88 7.97 22.16 6.63
CA GLN B 88 8.70 21.58 7.74
C GLN B 88 7.71 21.02 8.76
N LEU B 89 7.00 19.98 8.35
CA LEU B 89 5.99 19.35 9.19
C LEU B 89 6.37 17.91 9.42
N ASN B 90 6.28 17.49 10.68
CA ASN B 90 6.61 16.12 11.06
C ASN B 90 5.92 15.10 10.17
N LEU B 91 6.71 14.53 9.26
CA LEU B 91 6.30 13.40 8.42
C LEU B 91 5.01 12.73 8.89
N SER B 92 4.99 12.44 10.19
CA SER B 92 3.86 11.76 10.80
C SER B 92 3.73 12.14 12.27
N ALA B 93 3.52 13.42 12.55
CA ALA B 93 3.22 13.85 13.91
C ALA B 93 2.31 15.07 13.93
N MET B 94 1.91 15.50 12.74
CA MET B 94 0.94 16.58 12.60
C MET B 94 -0.45 16.05 12.92
N PRO B 95 -1.41 16.97 13.15
CA PRO B 95 -2.78 16.61 13.55
C PRO B 95 -3.74 16.39 12.38
N VAL B 96 -4.88 15.78 12.67
CA VAL B 96 -5.90 15.55 11.68
C VAL B 96 -6.44 16.88 11.17
N LEU B 97 -6.04 17.26 9.97
CA LEU B 97 -6.47 18.51 9.39
C LEU B 97 -7.94 18.46 8.99
N THR B 98 -8.52 19.62 8.68
CA THR B 98 -9.85 19.73 8.11
C THR B 98 -9.75 20.01 6.62
N ALA B 99 -10.87 19.92 5.91
CA ALA B 99 -10.88 20.14 4.46
C ALA B 99 -10.46 21.56 4.08
N PRO B 100 -10.94 22.57 4.80
CA PRO B 100 -10.41 23.91 4.56
C PRO B 100 -8.89 23.91 4.51
N GLN B 101 -8.26 23.34 5.53
CA GLN B 101 -6.80 23.35 5.66
C GLN B 101 -6.07 22.67 4.52
N LEU B 102 -6.59 21.53 4.08
CA LEU B 102 -5.94 20.71 3.05
C LEU B 102 -5.98 21.37 1.68
N ILE B 103 -7.06 22.09 1.40
CA ILE B 103 -7.17 22.84 0.16
C ILE B 103 -6.10 23.93 0.15
N GLY B 104 -5.97 24.65 1.26
CA GLY B 104 -4.93 25.65 1.38
C GLY B 104 -3.60 25.10 0.91
N LEU B 105 -3.30 23.88 1.33
CA LEU B 105 -2.04 23.22 0.99
C LEU B 105 -1.99 22.78 -0.48
N TYR B 106 -3.00 22.03 -0.91
CA TYR B 106 -3.06 21.58 -2.28
C TYR B 106 -3.10 22.76 -3.26
N ILE B 107 -3.53 23.91 -2.76
CA ILE B 107 -3.67 25.11 -3.58
C ILE B 107 -2.47 26.05 -3.37
N CYS B 108 -1.78 25.88 -2.23
CA CYS B 108 -0.61 26.67 -1.90
C CYS B 108 0.31 26.78 -3.09
N GLU B 109 0.76 28.00 -3.37
CA GLU B 109 1.65 28.25 -4.48
C GLU B 109 2.98 27.55 -4.22
N GLU B 110 3.30 27.35 -2.93
CA GLU B 110 4.50 26.64 -2.53
C GLU B 110 4.53 25.20 -3.06
N ASN B 111 3.35 24.66 -3.38
CA ASN B 111 3.27 23.35 -3.99
C ASN B 111 3.53 23.43 -5.50
N ARG B 112 4.81 23.41 -5.85
CA ARG B 112 5.25 23.53 -7.23
C ARG B 112 4.76 22.43 -8.16
N ARG B 113 5.03 21.18 -7.79
CA ARG B 113 4.73 20.05 -8.65
C ARG B 113 3.22 19.82 -8.81
N ALA B 114 2.44 20.82 -8.40
CA ALA B 114 0.99 20.74 -8.48
C ALA B 114 0.47 20.61 -9.91
N ASN B 115 -0.40 19.63 -10.10
CA ASN B 115 -1.03 19.36 -11.39
C ASN B 115 -2.52 19.13 -11.20
N GLU B 116 -3.19 18.56 -12.21
CA GLU B 116 -4.62 18.33 -12.17
C GLU B 116 -5.05 17.53 -10.93
N TYR B 117 -4.30 16.48 -10.62
CA TYR B 117 -4.63 15.61 -9.48
C TYR B 117 -4.75 16.39 -8.18
N ASP B 118 -3.80 17.30 -7.96
CA ASP B 118 -3.73 18.07 -6.72
C ASP B 118 -4.94 18.97 -6.59
N PHE B 119 -5.23 19.69 -7.67
CA PHE B 119 -6.40 20.55 -7.70
C PHE B 119 -7.67 19.70 -7.67
N LYS B 120 -7.64 18.58 -8.38
CA LYS B 120 -8.75 17.64 -8.32
C LYS B 120 -9.07 17.35 -6.86
N LYS B 121 -8.09 16.79 -6.15
CA LYS B 121 -8.20 16.53 -4.72
C LYS B 121 -8.83 17.71 -3.97
N ALA B 122 -8.31 18.91 -4.21
CA ALA B 122 -8.82 20.10 -3.55
C ALA B 122 -10.32 20.30 -3.77
N LEU B 123 -10.77 20.02 -4.99
CA LEU B 123 -12.18 20.19 -5.38
C LEU B 123 -13.11 19.23 -4.67
N ASP B 124 -12.76 17.95 -4.70
CA ASP B 124 -13.53 16.91 -4.03
C ASP B 124 -13.64 17.27 -2.56
N LEU B 125 -12.65 18.00 -2.07
CA LEU B 125 -12.59 18.40 -0.68
C LEU B 125 -13.70 19.37 -0.28
N LEU B 126 -14.29 20.04 -1.27
CA LEU B 126 -15.42 20.93 -1.00
C LEU B 126 -16.55 20.17 -0.33
N GLU B 127 -16.84 18.97 -0.81
CA GLU B 127 -17.92 18.17 -0.23
C GLU B 127 -17.67 17.76 1.22
N TYR B 128 -16.42 17.89 1.66
CA TYR B 128 -16.08 17.55 3.03
C TYR B 128 -16.00 18.78 3.94
N ILE B 129 -16.66 19.86 3.54
CA ILE B 129 -16.58 21.12 4.29
C ILE B 129 -17.59 21.13 5.45
N ASP B 130 -18.79 20.63 5.18
CA ASP B 130 -19.86 20.60 6.17
C ASP B 130 -20.21 21.99 6.70
N GLU B 131 -20.86 22.81 5.87
CA GLU B 131 -21.22 24.18 6.23
C GLU B 131 -20.09 24.97 6.88
N ASN B 136 -18.29 30.25 2.64
CA ASN B 136 -18.82 30.20 1.28
C ASN B 136 -18.04 29.21 0.43
N ILE B 137 -18.73 28.17 -0.03
CA ILE B 137 -18.09 27.10 -0.78
C ILE B 137 -17.73 27.48 -2.22
N ASN B 138 -18.56 28.30 -2.85
CA ASN B 138 -18.31 28.72 -4.23
C ASN B 138 -17.07 29.60 -4.40
N ASP B 139 -16.80 30.43 -3.41
CA ASP B 139 -15.61 31.27 -3.46
C ASP B 139 -14.36 30.40 -3.60
N LEU B 140 -14.19 29.48 -2.66
CA LEU B 140 -13.09 28.52 -2.72
C LEU B 140 -13.05 27.86 -4.08
N LYS B 141 -14.19 27.33 -4.51
CA LYS B 141 -14.31 26.67 -5.80
C LYS B 141 -13.66 27.51 -6.90
N LEU B 142 -13.80 28.82 -6.78
CA LEU B 142 -13.18 29.76 -7.72
C LEU B 142 -11.69 29.87 -7.44
N GLU B 143 -11.35 30.33 -6.23
CA GLU B 143 -9.96 30.48 -5.84
C GLU B 143 -9.13 29.27 -6.26
N ILE B 144 -9.65 28.07 -6.04
CA ILE B 144 -8.92 26.86 -6.41
C ILE B 144 -8.85 26.66 -7.93
N LEU B 145 -9.88 27.12 -8.64
CA LEU B 145 -9.90 27.02 -10.10
C LEU B 145 -8.96 28.02 -10.78
N CYS B 146 -9.02 29.27 -10.33
CA CYS B 146 -8.15 30.32 -10.87
C CYS B 146 -6.69 29.89 -10.76
N LYS B 147 -6.34 29.29 -9.63
CA LYS B 147 -4.94 28.96 -9.34
C LYS B 147 -4.40 27.80 -10.18
N ALA B 148 -5.30 27.09 -10.86
CA ALA B 148 -4.90 26.00 -11.75
C ALA B 148 -4.44 26.54 -13.09
N LEU B 149 -5.01 27.66 -13.50
CA LEU B 149 -4.68 28.27 -14.78
C LEU B 149 -3.35 28.98 -14.68
N GLN B 150 -3.11 29.59 -13.52
CA GLN B 150 -1.90 30.36 -13.28
C GLN B 150 -0.66 29.49 -13.47
N ARG B 151 -0.74 28.25 -12.98
CA ARG B 151 0.36 27.30 -13.11
C ARG B 151 0.50 26.84 -14.54
N ASP B 152 -0.59 26.94 -15.30
CA ASP B 152 -0.59 26.57 -16.71
C ASP B 152 -0.16 27.72 -17.60
N ASN B 153 -0.18 28.93 -17.07
CA ASN B 153 0.20 30.11 -17.84
C ASN B 153 -0.50 30.21 -19.19
N TRP B 154 -1.76 29.77 -19.22
CA TRP B 154 -2.59 29.83 -20.43
C TRP B 154 -2.06 30.79 -21.50
N VAL B 166 -4.00 22.53 -21.46
CA VAL B 166 -3.37 21.55 -20.59
C VAL B 166 -4.30 21.23 -19.41
N SER B 167 -4.02 21.84 -18.26
CA SER B 167 -4.55 21.31 -17.00
C SER B 167 -5.98 21.70 -16.59
N LYS B 168 -6.35 22.97 -16.68
CA LYS B 168 -7.74 23.32 -16.38
C LYS B 168 -8.61 22.51 -17.34
N ASP B 169 -8.08 22.24 -18.52
CA ASP B 169 -8.75 21.35 -19.47
C ASP B 169 -8.93 19.96 -18.86
N SER B 170 -7.82 19.41 -18.37
CA SER B 170 -7.79 18.05 -17.86
C SER B 170 -8.66 17.85 -16.64
N ILE B 171 -8.75 18.87 -15.79
CA ILE B 171 -9.56 18.76 -14.58
C ILE B 171 -11.02 18.63 -14.97
N PHE B 172 -11.39 19.21 -16.11
CA PHE B 172 -12.77 19.15 -16.58
C PHE B 172 -13.09 17.80 -17.22
N VAL B 173 -12.16 17.28 -18.00
CA VAL B 173 -12.36 15.99 -18.64
C VAL B 173 -12.50 14.89 -17.58
N LYS B 174 -11.87 15.10 -16.43
CA LYS B 174 -11.89 14.12 -15.34
C LYS B 174 -13.23 14.11 -14.61
N ILE B 175 -13.80 15.30 -14.41
CA ILE B 175 -15.08 15.41 -13.71
C ILE B 175 -16.25 14.82 -14.50
N LEU B 176 -16.07 14.69 -15.81
CA LEU B 176 -17.11 14.18 -16.72
C LEU B 176 -18.07 13.20 -16.05
N LEU B 190 -22.56 19.96 -14.40
CA LEU B 190 -21.37 20.74 -14.73
C LEU B 190 -21.64 22.23 -14.52
N PRO B 191 -22.92 22.58 -14.42
CA PRO B 191 -23.31 23.95 -14.16
C PRO B 191 -22.78 24.51 -12.85
N GLU B 192 -21.86 23.85 -12.17
CA GLU B 192 -21.36 24.39 -10.91
C GLU B 192 -20.25 25.40 -11.15
N VAL B 193 -19.51 25.20 -12.23
CA VAL B 193 -18.41 26.09 -12.58
C VAL B 193 -18.94 27.45 -13.05
N LYS B 194 -18.08 28.47 -12.96
CA LYS B 194 -18.46 29.82 -13.37
C LYS B 194 -17.73 30.22 -14.64
N ASP B 195 -18.26 31.24 -15.32
CA ASP B 195 -17.66 31.72 -16.56
C ASP B 195 -17.47 33.23 -16.52
N LEU B 196 -18.51 33.98 -16.88
CA LEU B 196 -18.45 35.43 -16.89
C LEU B 196 -17.89 35.97 -15.59
N LEU B 197 -18.47 35.54 -14.47
CA LEU B 197 -18.01 36.00 -13.12
C LEU B 197 -16.56 35.58 -12.76
N GLN B 198 -16.15 34.35 -13.14
CA GLN B 198 -14.72 33.92 -13.02
C GLN B 198 -13.74 35.04 -13.47
N ALA B 199 -13.87 35.50 -14.71
CA ALA B 199 -13.02 36.55 -15.25
C ALA B 199 -13.04 37.86 -14.43
N ASP B 200 -14.25 38.32 -14.07
CA ASP B 200 -14.49 39.41 -13.08
C ASP B 200 -13.33 39.78 -12.12
N PHE B 211 -5.74 35.92 -19.91
CA PHE B 211 -6.17 36.52 -21.18
C PHE B 211 -7.44 35.84 -21.67
N GLU B 212 -8.52 36.61 -21.70
CA GLU B 212 -9.86 36.06 -21.90
C GLU B 212 -10.10 35.34 -23.23
N PHE B 213 -9.11 35.33 -24.10
CA PHE B 213 -9.26 34.72 -25.41
C PHE B 213 -9.61 33.24 -25.28
N VAL B 214 -8.80 32.51 -24.53
CA VAL B 214 -8.96 31.07 -24.42
C VAL B 214 -10.01 30.67 -23.40
N LEU B 215 -10.23 31.51 -22.39
CA LEU B 215 -11.25 31.25 -21.40
C LEU B 215 -12.58 30.92 -22.09
N LYS B 216 -12.98 31.80 -23.01
CA LYS B 216 -14.19 31.60 -23.79
C LYS B 216 -14.07 30.41 -24.74
N ALA B 217 -12.87 30.20 -25.27
CA ALA B 217 -12.62 29.06 -26.15
C ALA B 217 -13.01 27.77 -25.46
N ASN B 218 -12.56 27.63 -24.21
CA ASN B 218 -12.91 26.48 -23.41
C ASN B 218 -14.36 26.58 -22.97
N TYR B 219 -14.77 27.79 -22.62
CA TYR B 219 -16.15 28.06 -22.24
C TYR B 219 -17.08 27.89 -23.45
N GLU B 220 -16.49 27.47 -24.56
CA GLU B 220 -17.24 27.12 -25.76
C GLU B 220 -17.19 25.61 -25.95
N TYR B 221 -16.00 25.05 -25.82
CA TYR B 221 -15.83 23.59 -25.85
C TYR B 221 -16.58 22.94 -24.68
N TYR B 222 -16.82 23.73 -23.64
CA TYR B 222 -17.60 23.29 -22.49
C TYR B 222 -19.07 23.21 -22.85
N VAL B 223 -19.56 24.24 -23.54
CA VAL B 223 -20.92 24.23 -24.07
C VAL B 223 -21.21 22.90 -24.77
N GLN B 224 -20.43 22.59 -25.80
CA GLN B 224 -20.62 21.35 -26.56
C GLN B 224 -20.45 20.10 -25.69
N GLY B 225 -19.70 20.25 -24.61
CA GLY B 225 -19.46 19.13 -23.70
C GLY B 225 -20.63 18.90 -22.75
N GLN B 226 -21.00 19.94 -22.01
CA GLN B 226 -22.08 19.86 -21.03
C GLN B 226 -23.42 19.57 -21.69
N ILE B 227 -23.60 20.06 -22.91
CA ILE B 227 -24.84 19.83 -23.65
C ILE B 227 -24.79 18.48 -24.35
#